data_4GRT
#
_entry.id   4GRT
#
_cell.length_a   119.770
_cell.length_b   84.980
_cell.length_c   63.320
_cell.angle_alpha   90.00
_cell.angle_beta   90.00
_cell.angle_gamma   58.15
#
_symmetry.space_group_name_H-M   'B 1 1 2'
#
loop_
_entity.id
_entity.type
_entity.pdbx_description
1 polymer 'GLUTATHIONE REDUCTASE'
2 non-polymer 'FLAVIN-ADENINE DINUCLEOTIDE'
3 non-polymer BIS(GAMMA-GLUTAMYL-CYSTEINYL-GLYCINYL)SPERMIDINE
#
_entity_poly.entity_id   1
_entity_poly.type   'polypeptide(L)'
_entity_poly.pdbx_seq_one_letter_code
;VASYDYLVIGGGSGGLESAWRAAELGARAAVVESHKLGGTCVNVGCVPKKVMWNTAVHSEFMHDHADYGFPSCEGKFNWR
VIKEKRDAYVSRLNAIYQNNLTKSHIEIIRGHAAFTSDPKPTIEVSGKKYTAPHILIATGGMPSTPHESQIPGASLGITS
DGFFQLEELPGRSVIVGAGYIAVEMAGILSALGSKTSLMIRHDKVLRSFDSMISTNCTEELENAGVEVLKFSQVKEVKKT
LSGLEVSMVTAVPGRLPVMTMIPDVDCLLWAIGRVPNTKDLSLNKLGIQTDDKGHIIVDEFQNTNVKGIYAVGDVCGKAL
LTPVAIAAGRKLAHRLFEYKEDSKLDYNNIPTVVFSHPPIGTVGLTEDEAIHKYGIENVKTYSTSFTPMYHAVTKRKTKC
VMKMVCANKEEKVVGIHMQGLGCDEMLQGFAVAVKMGATKADFDNTVAIHPTSSEELVTLR
;
_entity_poly.pdbx_strand_id   A
#
loop_
_chem_comp.id
_chem_comp.type
_chem_comp.name
_chem_comp.formula
FAD non-polymer 'FLAVIN-ADENINE DINUCLEOTIDE' 'C27 H33 N9 O15 P2'
GCG non-polymer BIS(GAMMA-GLUTAMYL-CYSTEINYL-GLYCINYL)SPERMIDINE 'C27 H49 N9 O10 S2'
#
# COMPACT_ATOMS: atom_id res chain seq x y z
N VAL A 1 19.04 21.00 26.43
CA VAL A 1 17.79 20.26 26.10
C VAL A 1 16.61 21.21 25.81
N ALA A 2 16.15 21.20 24.56
CA ALA A 2 15.05 22.05 24.13
C ALA A 2 13.75 21.32 24.42
N SER A 3 12.94 21.90 25.31
CA SER A 3 11.65 21.32 25.67
C SER A 3 10.52 21.80 24.78
N TYR A 4 9.67 20.87 24.39
CA TYR A 4 8.53 21.17 23.56
C TYR A 4 7.31 20.54 24.21
N ASP A 5 6.18 20.60 23.52
CA ASP A 5 4.92 20.02 23.99
C ASP A 5 4.69 18.77 23.19
N TYR A 6 5.26 18.79 21.98
CA TYR A 6 5.16 17.68 21.07
C TYR A 6 6.47 17.54 20.33
N LEU A 7 6.89 16.30 20.23
CA LEU A 7 8.11 15.93 19.54
C LEU A 7 7.67 14.74 18.72
N VAL A 8 7.71 14.87 17.40
CA VAL A 8 7.31 13.79 16.51
C VAL A 8 8.51 13.34 15.72
N ILE A 9 8.94 12.09 15.91
CA ILE A 9 10.07 11.52 15.17
C ILE A 9 9.55 10.94 13.86
N GLY A 10 10.26 11.20 12.77
CA GLY A 10 9.84 10.76 11.45
C GLY A 10 8.98 11.89 10.87
N GLY A 11 9.19 12.27 9.61
CA GLY A 11 8.39 13.35 9.04
C GLY A 11 7.56 12.90 7.83
N GLY A 12 7.00 11.71 7.93
CA GLY A 12 6.20 11.18 6.84
C GLY A 12 4.75 11.46 7.08
N SER A 13 3.86 10.69 6.47
CA SER A 13 2.42 10.88 6.61
C SER A 13 1.93 10.92 8.07
N GLY A 14 2.01 9.79 8.77
CA GLY A 14 1.61 9.79 10.16
C GLY A 14 2.67 10.68 10.75
N GLY A 15 2.30 11.62 11.59
CA GLY A 15 3.36 12.44 12.12
C GLY A 15 3.25 13.84 11.60
N LEU A 16 3.58 14.07 10.33
CA LEU A 16 3.42 15.41 9.76
C LEU A 16 1.99 15.78 10.17
N GLU A 17 1.05 14.89 9.85
CA GLU A 17 -0.37 15.07 10.14
C GLU A 17 -0.66 15.31 11.61
N SER A 18 0.07 14.63 12.49
CA SER A 18 -0.18 14.82 13.90
C SER A 18 0.36 16.17 14.32
N ALA A 19 1.67 16.37 14.15
CA ALA A 19 2.34 17.62 14.54
C ALA A 19 1.54 18.81 14.05
N TRP A 20 0.96 18.65 12.86
CA TRP A 20 0.16 19.69 12.24
C TRP A 20 -1.11 19.96 13.05
N ARG A 21 -1.80 18.91 13.47
CA ARG A 21 -3.01 19.10 14.24
C ARG A 21 -2.64 19.69 15.59
N ALA A 22 -1.49 19.27 16.12
CA ALA A 22 -1.00 19.76 17.41
C ALA A 22 -0.71 21.28 17.37
N ALA A 23 -0.06 21.73 16.29
CA ALA A 23 0.24 23.16 16.14
C ALA A 23 -1.11 23.88 16.08
N GLU A 24 -2.07 23.28 15.38
CA GLU A 24 -3.43 23.83 15.23
C GLU A 24 -4.14 24.08 16.54
N LEU A 25 -3.93 23.18 17.50
CA LEU A 25 -4.58 23.31 18.80
C LEU A 25 -3.75 24.15 19.74
N GLY A 26 -2.69 24.75 19.19
CA GLY A 26 -1.78 25.57 19.97
C GLY A 26 -0.80 24.68 20.68
N ALA A 27 0.39 24.51 20.12
CA ALA A 27 1.40 23.66 20.75
C ALA A 27 2.80 23.83 20.17
N ARG A 28 3.78 23.88 21.07
CA ARG A 28 5.18 24.04 20.68
C ARG A 28 5.61 22.64 20.18
N ALA A 29 5.58 22.50 18.86
CA ALA A 29 5.91 21.24 18.23
C ALA A 29 7.10 21.26 17.28
N ALA A 30 7.69 20.08 17.12
CA ALA A 30 8.82 19.89 16.24
C ALA A 30 8.62 18.54 15.58
N VAL A 31 9.28 18.33 14.46
CA VAL A 31 9.22 17.07 13.72
C VAL A 31 10.66 16.80 13.37
N VAL A 32 11.16 15.64 13.75
CA VAL A 32 12.54 15.30 13.44
C VAL A 32 12.60 14.41 12.20
N GLU A 33 12.99 14.97 11.06
CA GLU A 33 13.10 14.21 9.81
C GLU A 33 14.55 13.91 9.43
N SER A 34 14.79 12.68 9.05
CA SER A 34 16.12 12.23 8.71
C SER A 34 16.57 12.64 7.30
N HIS A 35 15.61 12.88 6.40
CA HIS A 35 15.93 13.28 5.02
C HIS A 35 14.79 13.94 4.23
N LYS A 36 14.08 13.20 3.38
CA LYS A 36 13.00 13.84 2.63
C LYS A 36 11.67 13.80 3.35
N LEU A 37 11.10 14.98 3.56
CA LEU A 37 9.79 15.09 4.20
C LEU A 37 8.76 14.64 3.17
N GLY A 38 7.59 14.21 3.66
CA GLY A 38 6.58 13.72 2.76
C GLY A 38 6.64 12.21 2.89
N GLY A 39 7.75 11.77 3.48
CA GLY A 39 7.99 10.36 3.75
C GLY A 39 7.97 9.46 2.54
N THR A 40 7.18 8.39 2.64
CA THR A 40 7.04 7.40 1.58
C THR A 40 5.98 7.84 0.58
N CYS A 41 4.86 8.34 1.10
CA CYS A 41 3.75 8.77 0.27
C CYS A 41 4.19 9.62 -0.91
N VAL A 42 4.98 10.65 -0.63
CA VAL A 42 5.48 11.55 -1.67
C VAL A 42 6.61 10.92 -2.48
N ASN A 43 7.73 10.69 -1.82
CA ASN A 43 8.97 10.18 -2.40
C ASN A 43 9.05 8.81 -3.10
N VAL A 44 8.68 7.74 -2.43
CA VAL A 44 8.75 6.44 -3.09
C VAL A 44 7.58 5.53 -2.80
N GLY A 45 6.38 6.07 -2.93
CA GLY A 45 5.24 5.24 -2.66
C GLY A 45 4.02 5.60 -3.47
N CYS A 46 3.04 6.13 -2.76
CA CYS A 46 1.77 6.47 -3.36
C CYS A 46 1.89 7.27 -4.64
N VAL A 47 2.43 8.47 -4.52
CA VAL A 47 2.55 9.39 -5.65
C VAL A 47 3.40 8.97 -6.85
N PRO A 48 4.63 8.50 -6.62
CA PRO A 48 5.40 8.11 -7.80
C PRO A 48 4.69 6.96 -8.48
N LYS A 49 4.06 6.12 -7.66
CA LYS A 49 3.33 4.95 -8.13
C LYS A 49 2.15 5.30 -9.04
N LYS A 50 1.20 6.09 -8.53
CA LYS A 50 0.03 6.48 -9.31
C LYS A 50 0.43 7.11 -10.66
N VAL A 51 1.57 7.81 -10.72
CA VAL A 51 1.99 8.41 -11.97
C VAL A 51 2.25 7.34 -12.99
N MET A 52 2.96 6.30 -12.57
CA MET A 52 3.31 5.17 -13.40
C MET A 52 2.09 4.34 -13.78
N TRP A 53 1.20 4.17 -12.81
CA TRP A 53 -0.01 3.44 -13.03
C TRP A 53 -0.72 4.18 -14.14
N ASN A 54 -0.86 5.48 -13.96
CA ASN A 54 -1.51 6.34 -14.95
C ASN A 54 -0.89 6.18 -16.34
N THR A 55 0.43 6.05 -16.39
CA THR A 55 1.14 5.86 -17.64
C THR A 55 0.70 4.51 -18.24
N ALA A 56 0.61 3.50 -17.38
CA ALA A 56 0.20 2.16 -17.80
C ALA A 56 -1.22 2.17 -18.37
N VAL A 57 -2.14 2.86 -17.72
CA VAL A 57 -3.50 2.91 -18.23
C VAL A 57 -3.59 3.48 -19.65
N HIS A 58 -2.51 4.10 -20.11
CA HIS A 58 -2.47 4.66 -21.44
C HIS A 58 -2.12 3.62 -22.51
N SER A 59 -1.38 2.58 -22.14
CA SER A 59 -1.04 1.54 -23.10
C SER A 59 -2.31 0.74 -23.34
N GLU A 60 -2.99 0.44 -22.24
CA GLU A 60 -4.25 -0.29 -22.28
C GLU A 60 -5.20 0.40 -23.26
N PHE A 61 -5.17 1.72 -23.33
CA PHE A 61 -6.04 2.42 -24.27
C PHE A 61 -5.48 2.45 -25.67
N MET A 62 -4.18 2.68 -25.78
CA MET A 62 -3.53 2.71 -27.08
C MET A 62 -3.82 1.40 -27.85
N HIS A 63 -4.05 0.32 -27.10
CA HIS A 63 -4.36 -1.01 -27.66
C HIS A 63 -5.81 -1.07 -28.18
N ASP A 64 -6.66 -0.18 -27.69
CA ASP A 64 -8.07 -0.11 -28.10
C ASP A 64 -8.38 1.06 -29.05
N HIS A 65 -7.38 1.87 -29.35
CA HIS A 65 -7.57 3.02 -30.21
C HIS A 65 -8.22 2.71 -31.56
N ALA A 66 -7.82 1.58 -32.15
CA ALA A 66 -8.33 1.14 -33.44
C ALA A 66 -9.80 0.76 -33.36
N ASP A 67 -10.15 0.03 -32.29
CA ASP A 67 -11.52 -0.42 -32.04
C ASP A 67 -12.46 0.77 -31.92
N TYR A 68 -11.98 1.86 -31.31
CA TYR A 68 -12.80 3.04 -31.16
C TYR A 68 -12.83 3.91 -32.40
N GLY A 69 -12.32 3.37 -33.50
CA GLY A 69 -12.37 4.07 -34.77
C GLY A 69 -11.27 5.01 -35.18
N PHE A 70 -10.17 5.02 -34.44
CA PHE A 70 -9.05 5.89 -34.82
C PHE A 70 -7.99 4.91 -35.32
N PRO A 71 -6.92 5.44 -35.93
CA PRO A 71 -5.84 4.57 -36.41
C PRO A 71 -5.05 4.05 -35.19
N SER A 72 -3.74 3.94 -35.30
CA SER A 72 -2.98 3.46 -34.16
C SER A 72 -1.66 4.20 -34.07
N CYS A 73 -0.78 3.70 -33.21
CA CYS A 73 0.53 4.28 -33.00
C CYS A 73 1.61 3.29 -33.48
N GLU A 74 2.31 2.63 -32.56
CA GLU A 74 3.34 1.67 -33.00
C GLU A 74 3.99 0.91 -31.85
N GLY A 75 4.26 1.62 -30.77
CA GLY A 75 4.89 1.01 -29.62
C GLY A 75 5.79 2.01 -28.97
N LYS A 76 7.10 1.69 -28.94
CA LYS A 76 8.16 2.48 -28.33
C LYS A 76 7.80 3.62 -27.39
N PHE A 77 7.61 3.24 -26.14
CA PHE A 77 7.27 4.18 -25.10
C PHE A 77 8.60 4.55 -24.48
N ASN A 78 8.87 5.85 -24.35
CA ASN A 78 10.11 6.25 -23.72
C ASN A 78 9.95 6.47 -22.22
N TRP A 79 10.40 5.49 -21.46
CA TRP A 79 10.34 5.50 -19.99
C TRP A 79 11.12 6.70 -19.45
N ARG A 80 12.28 6.95 -20.05
CA ARG A 80 13.18 8.02 -19.67
C ARG A 80 12.43 9.31 -19.40
N VAL A 81 11.57 9.66 -20.33
CA VAL A 81 10.76 10.86 -20.24
C VAL A 81 9.80 10.87 -19.06
N ILE A 82 8.82 9.97 -19.05
CA ILE A 82 7.85 9.95 -17.96
C ILE A 82 8.50 9.92 -16.58
N LYS A 83 9.67 9.29 -16.53
CA LYS A 83 10.43 9.17 -15.31
C LYS A 83 10.78 10.58 -14.84
N GLU A 84 11.48 11.31 -15.71
CA GLU A 84 11.91 12.68 -15.42
C GLU A 84 10.79 13.55 -14.86
N LYS A 85 9.68 13.60 -15.59
CA LYS A 85 8.54 14.42 -15.22
C LYS A 85 7.94 14.03 -13.86
N ARG A 86 7.94 12.73 -13.56
CA ARG A 86 7.40 12.26 -12.29
C ARG A 86 8.26 12.82 -11.14
N ASP A 87 9.56 12.95 -11.37
CA ASP A 87 10.50 13.49 -10.39
C ASP A 87 10.33 14.98 -10.11
N ALA A 88 10.05 15.74 -11.17
CA ALA A 88 9.86 17.17 -11.02
C ALA A 88 8.60 17.45 -10.20
N TYR A 89 7.70 16.48 -10.20
CA TYR A 89 6.44 16.57 -9.46
C TYR A 89 6.72 16.28 -8.00
N VAL A 90 7.58 15.29 -7.76
CA VAL A 90 7.94 14.96 -6.40
C VAL A 90 8.65 16.19 -5.85
N SER A 91 9.44 16.85 -6.70
CA SER A 91 10.16 18.06 -6.28
C SER A 91 9.18 19.18 -5.90
N ARG A 92 8.18 19.41 -6.75
CA ARG A 92 7.18 20.43 -6.49
C ARG A 92 6.50 20.12 -5.15
N LEU A 93 6.14 18.85 -4.96
CA LEU A 93 5.51 18.37 -3.74
C LEU A 93 6.34 18.60 -2.47
N ASN A 94 7.64 18.36 -2.59
CA ASN A 94 8.54 18.53 -1.46
C ASN A 94 8.58 19.99 -1.04
N ALA A 95 8.72 20.87 -2.04
CA ALA A 95 8.79 22.31 -1.84
C ALA A 95 7.52 22.81 -1.21
N ILE A 96 6.40 22.21 -1.57
CA ILE A 96 5.11 22.61 -1.01
C ILE A 96 5.17 22.27 0.46
N TYR A 97 5.66 21.07 0.75
CA TYR A 97 5.77 20.60 2.11
C TYR A 97 6.75 21.42 2.93
N GLN A 98 7.86 21.77 2.30
CA GLN A 98 8.88 22.57 2.96
C GLN A 98 8.22 23.82 3.46
N ASN A 99 7.56 24.51 2.52
CA ASN A 99 6.87 25.77 2.79
C ASN A 99 5.74 25.62 3.77
N ASN A 100 4.85 24.66 3.52
CA ASN A 100 3.69 24.41 4.38
C ASN A 100 4.08 24.28 5.85
N LEU A 101 5.09 23.46 6.13
CA LEU A 101 5.54 23.25 7.48
C LEU A 101 6.04 24.53 8.06
N THR A 102 7.01 25.15 7.41
CA THR A 102 7.57 26.41 7.90
C THR A 102 6.51 27.52 8.09
N LYS A 103 5.39 27.43 7.38
CA LYS A 103 4.33 28.43 7.52
C LYS A 103 3.39 28.15 8.70
N SER A 104 3.11 26.87 8.94
CA SER A 104 2.25 26.50 10.06
C SER A 104 3.02 26.65 11.36
N HIS A 105 4.25 27.17 11.25
CA HIS A 105 5.19 27.38 12.35
C HIS A 105 5.48 26.14 13.21
N ILE A 106 6.21 25.19 12.62
CA ILE A 106 6.61 23.95 13.27
C ILE A 106 8.13 23.78 13.15
N GLU A 107 8.80 23.55 14.26
CA GLU A 107 10.25 23.38 14.28
C GLU A 107 10.66 22.10 13.59
N ILE A 108 11.06 22.18 12.33
CA ILE A 108 11.49 20.97 11.64
C ILE A 108 12.93 20.62 11.95
N ILE A 109 13.19 20.05 13.12
CA ILE A 109 14.56 19.65 13.43
C ILE A 109 14.90 18.53 12.42
N ARG A 110 16.02 18.69 11.72
CA ARG A 110 16.44 17.74 10.70
C ARG A 110 17.67 16.94 11.11
N GLY A 111 17.58 15.63 10.92
CA GLY A 111 18.67 14.73 11.27
C GLY A 111 18.10 13.42 11.75
N HIS A 112 18.97 12.57 12.30
CA HIS A 112 18.54 11.25 12.80
C HIS A 112 18.30 11.28 14.31
N ALA A 113 17.09 10.93 14.72
CA ALA A 113 16.72 10.91 16.12
C ALA A 113 16.96 9.55 16.75
N ALA A 114 16.99 9.53 18.08
CA ALA A 114 17.19 8.31 18.83
C ALA A 114 16.89 8.61 20.29
N PHE A 115 16.57 7.56 21.04
CA PHE A 115 16.28 7.69 22.46
C PHE A 115 17.56 7.51 23.25
N THR A 116 17.64 8.26 24.34
CA THR A 116 18.79 8.25 25.25
C THR A 116 18.35 7.60 26.54
N SER A 117 19.26 7.59 27.51
CA SER A 117 18.98 7.02 28.82
C SER A 117 18.01 7.93 29.54
N ASP A 118 18.41 9.21 29.63
CA ASP A 118 17.67 10.28 30.26
C ASP A 118 16.33 9.85 30.85
N PRO A 119 16.28 9.66 32.19
CA PRO A 119 15.15 9.25 33.02
C PRO A 119 13.79 9.48 32.39
N LYS A 120 13.48 10.73 32.06
CA LYS A 120 12.21 11.03 31.44
C LYS A 120 12.43 11.07 29.93
N PRO A 121 11.43 10.60 29.15
CA PRO A 121 11.41 10.52 27.68
C PRO A 121 12.20 11.63 26.99
N THR A 122 13.34 11.27 26.40
CA THR A 122 14.18 12.27 25.74
C THR A 122 14.96 11.73 24.54
N ILE A 123 14.99 12.50 23.45
CA ILE A 123 15.69 12.07 22.25
C ILE A 123 16.84 12.97 21.83
N GLU A 124 17.80 12.37 21.13
CA GLU A 124 18.92 13.11 20.63
C GLU A 124 18.77 13.17 19.12
N VAL A 125 19.45 14.13 18.50
CA VAL A 125 19.46 14.27 17.05
C VAL A 125 20.82 14.85 16.69
N SER A 126 21.67 14.08 16.01
CA SER A 126 23.00 14.57 15.61
C SER A 126 23.79 15.22 16.78
N GLY A 127 23.76 14.57 17.95
CA GLY A 127 24.43 15.08 19.12
C GLY A 127 23.71 16.20 19.86
N LYS A 128 22.40 16.34 19.67
CA LYS A 128 21.62 17.39 20.35
C LYS A 128 20.42 16.73 21.02
N LYS A 129 20.08 17.16 22.23
CA LYS A 129 18.97 16.55 22.95
C LYS A 129 17.72 17.43 23.07
N TYR A 130 16.61 16.85 22.67
CA TYR A 130 15.31 17.50 22.70
C TYR A 130 14.40 16.60 23.51
N THR A 131 13.40 17.17 24.17
CA THR A 131 12.50 16.36 24.96
C THR A 131 11.17 17.07 25.01
N ALA A 132 10.13 16.37 25.42
CA ALA A 132 8.80 16.94 25.52
C ALA A 132 7.90 15.83 26.02
N PRO A 133 6.96 16.12 26.91
CA PRO A 133 6.01 15.17 27.49
C PRO A 133 5.44 14.09 26.55
N HIS A 134 5.14 14.49 25.32
CA HIS A 134 4.59 13.58 24.32
C HIS A 134 5.53 13.53 23.14
N ILE A 135 6.02 12.33 22.85
CA ILE A 135 6.89 12.10 21.72
C ILE A 135 6.20 11.02 20.92
N LEU A 136 5.96 11.28 19.65
CA LEU A 136 5.33 10.28 18.80
C LEU A 136 6.40 9.71 17.88
N ILE A 137 6.41 8.38 17.75
CA ILE A 137 7.37 7.68 16.90
C ILE A 137 6.66 7.30 15.59
N ALA A 138 7.05 7.92 14.49
CA ALA A 138 6.44 7.63 13.19
C ALA A 138 7.60 7.40 12.24
N THR A 139 8.43 6.43 12.59
CA THR A 139 9.62 6.11 11.84
C THR A 139 9.46 5.25 10.60
N GLY A 140 8.21 5.04 10.20
CA GLY A 140 7.92 4.27 9.00
C GLY A 140 8.39 2.82 8.94
N GLY A 141 8.49 2.32 7.72
CA GLY A 141 8.92 0.96 7.47
C GLY A 141 9.59 0.87 6.10
N MET A 142 10.56 -0.03 5.98
CA MET A 142 11.31 -0.18 4.74
C MET A 142 11.06 -1.52 4.02
N PRO A 143 11.56 -1.64 2.79
CA PRO A 143 11.40 -2.88 2.01
C PRO A 143 12.30 -4.00 2.51
N SER A 144 11.72 -5.19 2.60
CA SER A 144 12.42 -6.37 3.07
C SER A 144 13.02 -7.12 1.89
N THR A 145 14.33 -7.33 1.94
CA THR A 145 15.03 -8.07 0.90
C THR A 145 15.74 -9.22 1.60
N PRO A 146 15.80 -10.42 0.95
CA PRO A 146 16.44 -11.61 1.49
C PRO A 146 17.92 -11.48 1.81
N HIS A 147 18.38 -12.40 2.65
CA HIS A 147 19.76 -12.48 3.11
C HIS A 147 20.54 -13.44 2.23
N GLU A 148 21.80 -13.11 1.96
CA GLU A 148 22.63 -13.94 1.12
C GLU A 148 22.76 -15.34 1.71
N SER A 149 22.43 -15.47 3.00
CA SER A 149 22.49 -16.74 3.69
C SER A 149 21.53 -17.69 3.02
N GLN A 150 20.26 -17.28 3.02
CA GLN A 150 19.18 -18.05 2.45
C GLN A 150 19.25 -18.11 0.92
N ILE A 151 19.36 -16.93 0.31
CA ILE A 151 19.39 -16.86 -1.14
C ILE A 151 20.63 -16.21 -1.69
N PRO A 152 21.57 -17.03 -2.13
CA PRO A 152 22.83 -16.54 -2.71
C PRO A 152 22.50 -15.80 -4.01
N GLY A 153 22.72 -14.50 -4.01
CA GLY A 153 22.42 -13.70 -5.18
C GLY A 153 21.25 -12.81 -4.85
N ALA A 154 20.93 -12.77 -3.56
CA ALA A 154 19.86 -11.97 -3.01
C ALA A 154 20.03 -10.47 -3.31
N SER A 155 21.17 -9.93 -2.92
CA SER A 155 21.47 -8.51 -3.12
C SER A 155 21.37 -8.04 -4.57
N LEU A 156 21.34 -8.96 -5.52
CA LEU A 156 21.26 -8.60 -6.93
C LEU A 156 19.84 -8.12 -7.33
N GLY A 157 18.86 -8.39 -6.48
CA GLY A 157 17.49 -7.95 -6.76
C GLY A 157 17.22 -6.51 -6.32
N ILE A 158 16.28 -5.86 -6.97
CA ILE A 158 15.95 -4.48 -6.65
C ILE A 158 14.59 -4.44 -5.97
N THR A 159 14.29 -3.38 -5.24
CA THR A 159 12.98 -3.26 -4.58
C THR A 159 12.17 -2.09 -5.16
N SER A 160 11.04 -1.75 -4.51
CA SER A 160 10.20 -0.66 -4.98
C SER A 160 11.03 0.61 -5.18
N ASP A 161 11.84 0.91 -4.17
CA ASP A 161 12.72 2.06 -4.19
C ASP A 161 13.48 2.07 -5.49
N GLY A 162 14.34 1.07 -5.68
CA GLY A 162 15.10 0.98 -6.91
C GLY A 162 14.24 1.05 -8.17
N PHE A 163 13.02 0.52 -8.10
CA PHE A 163 12.08 0.55 -9.21
C PHE A 163 11.86 2.02 -9.60
N PHE A 164 11.67 2.84 -8.60
CA PHE A 164 11.45 4.28 -8.77
C PHE A 164 12.73 5.01 -9.13
N GLN A 165 13.78 4.25 -9.39
CA GLN A 165 15.07 4.79 -9.78
C GLN A 165 15.40 4.28 -11.17
N LEU A 166 14.58 3.40 -11.71
CA LEU A 166 14.88 2.89 -13.04
C LEU A 166 14.82 3.99 -14.09
N GLU A 167 15.90 4.10 -14.85
CA GLU A 167 16.04 5.10 -15.91
C GLU A 167 15.67 4.57 -17.29
N GLU A 168 15.41 3.26 -17.38
CA GLU A 168 15.03 2.60 -18.64
C GLU A 168 14.12 1.42 -18.34
N LEU A 169 13.07 1.23 -19.15
CA LEU A 169 12.17 0.09 -18.94
C LEU A 169 12.91 -1.21 -19.19
N PRO A 170 13.03 -2.05 -18.15
CA PRO A 170 13.72 -3.34 -18.25
C PRO A 170 12.97 -4.34 -19.13
N GLY A 171 13.57 -4.70 -20.27
CA GLY A 171 12.95 -5.63 -21.20
C GLY A 171 12.44 -6.95 -20.65
N ARG A 172 13.09 -7.44 -19.59
CA ARG A 172 12.73 -8.69 -18.93
C ARG A 172 12.63 -8.40 -17.45
N SER A 173 11.44 -8.56 -16.89
CA SER A 173 11.25 -8.32 -15.47
C SER A 173 10.87 -9.62 -14.77
N VAL A 174 11.32 -9.76 -13.53
CA VAL A 174 10.97 -10.91 -12.70
C VAL A 174 10.60 -10.34 -11.35
N ILE A 175 9.40 -10.67 -10.90
CA ILE A 175 8.92 -10.14 -9.65
C ILE A 175 8.53 -11.26 -8.70
N VAL A 176 9.06 -11.16 -7.50
CA VAL A 176 8.82 -12.13 -6.45
C VAL A 176 7.94 -11.45 -5.42
N GLY A 177 6.74 -12.01 -5.24
CA GLY A 177 5.77 -11.45 -4.32
C GLY A 177 4.36 -11.73 -4.81
N ALA A 178 3.43 -11.86 -3.87
CA ALA A 178 2.05 -12.12 -4.24
C ALA A 178 1.12 -11.17 -3.54
N GLY A 179 1.64 -10.03 -3.08
CA GLY A 179 0.84 -9.04 -2.38
C GLY A 179 0.44 -7.90 -3.32
N TYR A 180 0.17 -6.72 -2.79
CA TYR A 180 -0.20 -5.63 -3.69
C TYR A 180 0.96 -4.87 -4.35
N ILE A 181 2.04 -4.60 -3.63
CA ILE A 181 3.13 -3.88 -4.29
C ILE A 181 3.70 -4.74 -5.41
N ALA A 182 3.59 -6.06 -5.24
CA ALA A 182 4.06 -7.01 -6.26
C ALA A 182 3.09 -6.91 -7.41
N VAL A 183 1.83 -7.19 -7.14
CA VAL A 183 0.84 -7.13 -8.19
C VAL A 183 0.93 -5.81 -8.94
N GLU A 184 1.06 -4.71 -8.21
CA GLU A 184 1.13 -3.39 -8.81
C GLU A 184 2.34 -3.24 -9.71
N MET A 185 3.50 -3.65 -9.21
CA MET A 185 4.72 -3.56 -9.97
C MET A 185 4.63 -4.40 -11.23
N ALA A 186 4.14 -5.62 -11.10
CA ALA A 186 4.02 -6.53 -12.23
C ALA A 186 3.16 -5.94 -13.37
N GLY A 187 2.02 -5.35 -13.00
CA GLY A 187 1.13 -4.76 -13.97
C GLY A 187 1.70 -3.58 -14.75
N ILE A 188 2.35 -2.65 -14.06
CA ILE A 188 2.95 -1.49 -14.75
C ILE A 188 3.99 -1.89 -15.80
N LEU A 189 4.96 -2.70 -15.40
CA LEU A 189 6.02 -3.19 -16.28
C LEU A 189 5.49 -3.94 -17.51
N SER A 190 4.49 -4.79 -17.29
CA SER A 190 3.86 -5.59 -18.36
C SER A 190 3.14 -4.74 -19.38
N ALA A 191 2.33 -3.81 -18.89
CA ALA A 191 1.56 -2.90 -19.72
C ALA A 191 2.51 -2.05 -20.54
N LEU A 192 3.56 -1.59 -19.87
CA LEU A 192 4.56 -0.74 -20.50
C LEU A 192 5.68 -1.46 -21.24
N GLY A 193 5.48 -2.73 -21.63
CA GLY A 193 6.51 -3.43 -22.39
C GLY A 193 7.25 -4.65 -21.83
N SER A 194 7.97 -4.48 -20.73
CA SER A 194 8.73 -5.54 -20.09
C SER A 194 8.03 -6.90 -20.07
N LYS A 195 8.70 -7.92 -20.58
CA LYS A 195 8.15 -9.27 -20.57
C LYS A 195 8.30 -9.68 -19.10
N THR A 196 7.23 -9.54 -18.34
CA THR A 196 7.24 -9.82 -16.91
C THR A 196 6.71 -11.19 -16.46
N SER A 197 7.18 -11.63 -15.29
CA SER A 197 6.78 -12.88 -14.67
C SER A 197 6.64 -12.61 -13.16
N LEU A 198 5.53 -13.07 -12.58
CA LEU A 198 5.28 -12.90 -11.15
C LEU A 198 5.38 -14.26 -10.43
N MET A 199 6.49 -14.46 -9.74
CA MET A 199 6.78 -15.71 -9.05
C MET A 199 6.16 -15.68 -7.67
N ILE A 200 5.17 -16.55 -7.43
CA ILE A 200 4.47 -16.62 -6.15
C ILE A 200 4.51 -18.02 -5.54
N ARG A 201 4.61 -18.08 -4.21
CA ARG A 201 4.69 -19.37 -3.49
C ARG A 201 3.49 -20.29 -3.71
N HIS A 202 2.33 -19.73 -4.01
CA HIS A 202 1.15 -20.55 -4.17
C HIS A 202 0.53 -20.52 -5.53
N ASP A 203 -0.80 -20.51 -5.58
CA ASP A 203 -1.54 -20.52 -6.84
C ASP A 203 -2.22 -19.21 -7.11
N LYS A 204 -2.32 -18.37 -6.10
CA LYS A 204 -3.02 -17.11 -6.30
C LYS A 204 -2.30 -16.02 -5.55
N VAL A 205 -2.55 -14.78 -5.96
CA VAL A 205 -1.99 -13.59 -5.33
C VAL A 205 -3.05 -12.98 -4.41
N LEU A 206 -2.68 -11.96 -3.64
CA LEU A 206 -3.60 -11.27 -2.74
C LEU A 206 -4.40 -12.29 -1.97
N ARG A 207 -3.70 -13.30 -1.45
CA ARG A 207 -4.32 -14.40 -0.70
C ARG A 207 -5.05 -13.88 0.52
N SER A 208 -4.78 -12.63 0.89
CA SER A 208 -5.41 -12.02 2.06
C SER A 208 -6.76 -11.35 1.76
N PHE A 209 -7.16 -11.33 0.51
CA PHE A 209 -8.42 -10.69 0.17
C PHE A 209 -9.52 -11.72 0.05
N ASP A 210 -10.66 -11.30 -0.46
CA ASP A 210 -11.75 -12.25 -0.64
C ASP A 210 -11.39 -13.24 -1.74
N SER A 211 -11.94 -14.44 -1.64
CA SER A 211 -11.69 -15.49 -2.63
C SER A 211 -11.80 -14.90 -4.01
N MET A 212 -12.93 -14.26 -4.27
CA MET A 212 -13.21 -13.66 -5.56
C MET A 212 -12.09 -12.75 -6.05
N ILE A 213 -11.58 -11.90 -5.16
CA ILE A 213 -10.53 -10.97 -5.55
C ILE A 213 -9.23 -11.71 -5.81
N SER A 214 -8.80 -12.47 -4.83
CA SER A 214 -7.56 -13.21 -4.98
C SER A 214 -7.59 -14.07 -6.22
N THR A 215 -8.78 -14.52 -6.57
CA THR A 215 -8.97 -15.38 -7.73
C THR A 215 -8.99 -14.57 -9.01
N ASN A 216 -9.98 -13.70 -9.13
CA ASN A 216 -10.12 -12.86 -10.30
C ASN A 216 -8.83 -12.10 -10.70
N CYS A 217 -8.07 -11.66 -9.71
CA CYS A 217 -6.83 -10.92 -9.95
C CYS A 217 -5.67 -11.76 -10.46
N THR A 218 -5.67 -13.04 -10.13
CA THR A 218 -4.60 -13.90 -10.62
C THR A 218 -4.91 -14.14 -12.10
N GLU A 219 -6.19 -14.34 -12.36
CA GLU A 219 -6.70 -14.59 -13.70
C GLU A 219 -6.45 -13.39 -14.61
N GLU A 220 -6.75 -12.18 -14.11
CA GLU A 220 -6.59 -10.96 -14.91
C GLU A 220 -5.13 -10.69 -15.21
N LEU A 221 -4.28 -10.95 -14.24
CA LEU A 221 -2.87 -10.79 -14.45
C LEU A 221 -2.49 -11.70 -15.61
N GLU A 222 -3.08 -12.88 -15.65
CA GLU A 222 -2.78 -13.83 -16.72
C GLU A 222 -3.19 -13.38 -18.11
N ASN A 223 -4.46 -13.03 -18.29
CA ASN A 223 -4.99 -12.57 -19.58
C ASN A 223 -4.33 -11.28 -20.06
N ALA A 224 -3.78 -10.53 -19.10
CA ALA A 224 -3.08 -9.30 -19.36
C ALA A 224 -1.73 -9.59 -19.99
N GLY A 225 -1.18 -10.76 -19.71
CA GLY A 225 0.10 -11.12 -20.28
C GLY A 225 1.20 -11.26 -19.25
N VAL A 226 0.79 -11.34 -17.99
CA VAL A 226 1.78 -11.53 -16.93
C VAL A 226 1.97 -13.04 -16.90
N GLU A 227 2.94 -13.49 -16.13
CA GLU A 227 3.21 -14.90 -16.07
C GLU A 227 3.30 -15.33 -14.61
N VAL A 228 2.18 -15.81 -14.08
CA VAL A 228 2.12 -16.25 -12.72
C VAL A 228 2.89 -17.56 -12.65
N LEU A 229 3.92 -17.61 -11.81
CA LEU A 229 4.72 -18.80 -11.62
C LEU A 229 4.30 -19.23 -10.22
N LYS A 230 3.49 -20.27 -10.14
CA LYS A 230 2.93 -20.79 -8.90
C LYS A 230 3.79 -21.80 -8.16
N PHE A 231 3.68 -21.81 -6.83
CA PHE A 231 4.42 -22.73 -5.95
C PHE A 231 5.92 -22.67 -6.24
N SER A 232 6.38 -21.46 -6.54
CA SER A 232 7.76 -21.23 -6.89
C SER A 232 8.51 -20.23 -5.99
N GLN A 233 9.82 -20.39 -5.93
CA GLN A 233 10.63 -19.47 -5.15
C GLN A 233 12.03 -19.52 -5.72
N VAL A 234 12.75 -18.41 -5.58
CA VAL A 234 14.09 -18.34 -6.11
C VAL A 234 15.05 -19.05 -5.20
N LYS A 235 15.80 -19.99 -5.75
CA LYS A 235 16.82 -20.73 -5.01
C LYS A 235 18.07 -19.82 -4.93
N GLU A 236 18.56 -19.38 -6.10
CA GLU A 236 19.71 -18.49 -6.19
C GLU A 236 19.62 -17.63 -7.45
N VAL A 237 20.35 -16.54 -7.42
CA VAL A 237 20.38 -15.58 -8.52
C VAL A 237 21.82 -15.43 -8.91
N LYS A 238 22.07 -15.40 -10.21
CA LYS A 238 23.44 -15.29 -10.68
C LYS A 238 23.57 -14.41 -11.88
N LYS A 239 24.37 -13.36 -11.70
CA LYS A 239 24.66 -12.37 -12.72
C LYS A 239 25.50 -12.99 -13.82
N THR A 240 24.87 -13.30 -14.95
CA THR A 240 25.57 -13.88 -16.09
C THR A 240 26.22 -12.75 -16.88
N LEU A 241 26.59 -13.02 -18.11
CA LEU A 241 27.17 -11.99 -18.97
C LEU A 241 25.99 -11.30 -19.66
N SER A 242 24.88 -12.04 -19.69
CA SER A 242 23.66 -11.59 -20.33
C SER A 242 22.93 -10.65 -19.40
N GLY A 243 22.66 -11.12 -18.20
CA GLY A 243 21.97 -10.29 -17.24
C GLY A 243 21.97 -11.04 -15.93
N LEU A 244 20.87 -11.71 -15.64
CA LEU A 244 20.77 -12.47 -14.42
C LEU A 244 20.20 -13.84 -14.78
N GLU A 245 20.49 -14.82 -13.95
CA GLU A 245 20.00 -16.17 -14.14
C GLU A 245 19.35 -16.56 -12.86
N VAL A 246 18.03 -16.60 -12.89
CA VAL A 246 17.28 -16.95 -11.72
C VAL A 246 17.03 -18.45 -11.70
N SER A 247 17.44 -19.07 -10.62
CA SER A 247 17.23 -20.48 -10.44
C SER A 247 16.14 -20.45 -9.37
N MET A 248 14.97 -21.00 -9.74
CA MET A 248 13.80 -21.06 -8.88
C MET A 248 13.22 -22.48 -8.84
N VAL A 249 12.59 -22.85 -7.72
CA VAL A 249 12.02 -24.19 -7.58
C VAL A 249 10.49 -24.19 -7.64
N THR A 250 9.94 -25.02 -8.53
CA THR A 250 8.50 -25.12 -8.69
C THR A 250 7.99 -26.39 -8.03
N ALA A 251 7.60 -26.29 -6.77
CA ALA A 251 7.09 -27.44 -6.01
C ALA A 251 5.56 -27.47 -5.92
N VAL A 252 4.91 -27.82 -7.04
CA VAL A 252 3.45 -27.92 -7.14
C VAL A 252 2.97 -29.11 -6.35
N PRO A 253 1.91 -28.93 -5.56
CA PRO A 253 1.32 -30.00 -4.74
C PRO A 253 0.88 -31.18 -5.60
N GLY A 254 1.36 -32.38 -5.27
CA GLY A 254 0.99 -33.56 -6.03
C GLY A 254 1.93 -33.89 -7.17
N ARG A 255 2.88 -33.00 -7.42
CA ARG A 255 3.84 -33.24 -8.48
C ARG A 255 5.21 -33.41 -7.85
N LEU A 256 6.22 -33.59 -8.69
CA LEU A 256 7.60 -33.71 -8.24
C LEU A 256 8.28 -32.36 -8.48
N PRO A 257 9.03 -31.89 -7.50
CA PRO A 257 9.72 -30.61 -7.62
C PRO A 257 10.64 -30.54 -8.83
N VAL A 258 10.70 -29.36 -9.44
CA VAL A 258 11.57 -29.09 -10.58
C VAL A 258 12.26 -27.74 -10.39
N MET A 259 13.58 -27.76 -10.60
CA MET A 259 14.43 -26.58 -10.49
C MET A 259 14.73 -26.01 -11.88
N THR A 260 14.38 -24.74 -12.05
CA THR A 260 14.50 -24.04 -13.32
C THR A 260 15.38 -22.78 -13.38
N MET A 261 15.98 -22.57 -14.55
CA MET A 261 16.82 -21.42 -14.85
C MET A 261 15.99 -20.39 -15.58
N ILE A 262 16.07 -19.13 -15.15
CA ILE A 262 15.35 -18.04 -15.81
C ILE A 262 16.48 -17.09 -16.28
N PRO A 263 16.83 -17.16 -17.58
CA PRO A 263 17.89 -16.36 -18.20
C PRO A 263 17.55 -14.97 -18.69
N ASP A 264 18.63 -14.26 -19.01
CA ASP A 264 18.61 -12.88 -19.48
C ASP A 264 17.55 -12.01 -18.84
N VAL A 265 17.56 -12.01 -17.51
CA VAL A 265 16.63 -11.22 -16.72
C VAL A 265 17.25 -9.84 -16.53
N ASP A 266 16.49 -8.80 -16.85
CA ASP A 266 16.96 -7.44 -16.68
C ASP A 266 16.79 -7.00 -15.22
N CYS A 267 15.58 -7.18 -14.68
CA CYS A 267 15.25 -6.77 -13.33
C CYS A 267 14.62 -7.86 -12.48
N LEU A 268 15.13 -8.04 -11.26
CA LEU A 268 14.59 -9.01 -10.30
C LEU A 268 14.16 -8.18 -9.08
N LEU A 269 12.85 -8.12 -8.86
CA LEU A 269 12.23 -7.35 -7.79
C LEU A 269 11.84 -8.05 -6.48
N TRP A 270 12.35 -7.58 -5.35
CA TRP A 270 11.97 -8.18 -4.07
C TRP A 270 10.70 -7.50 -3.51
N ALA A 271 9.55 -7.98 -3.96
CA ALA A 271 8.26 -7.42 -3.53
C ALA A 271 7.65 -8.29 -2.43
N ILE A 272 8.45 -8.55 -1.40
CA ILE A 272 8.04 -9.42 -0.31
C ILE A 272 7.73 -8.80 1.07
N GLY A 273 8.37 -7.68 1.41
CA GLY A 273 8.07 -7.15 2.73
C GLY A 273 8.33 -5.70 3.03
N ARG A 274 7.84 -5.31 4.21
CA ARG A 274 7.98 -3.96 4.74
C ARG A 274 8.33 -4.18 6.20
N VAL A 275 9.61 -4.27 6.51
CA VAL A 275 10.04 -4.46 7.90
C VAL A 275 10.01 -3.10 8.59
N PRO A 276 9.59 -3.05 9.86
CA PRO A 276 9.54 -1.74 10.50
C PRO A 276 10.90 -1.12 10.66
N ASN A 277 10.89 0.19 10.78
CA ASN A 277 12.09 1.00 10.94
C ASN A 277 12.16 1.26 12.41
N THR A 278 12.79 0.33 13.13
CA THR A 278 12.87 0.47 14.57
C THR A 278 14.26 0.28 15.17
N LYS A 279 15.08 -0.52 14.51
CA LYS A 279 16.44 -0.83 14.95
C LYS A 279 17.22 0.29 15.71
N ASP A 280 17.88 1.17 14.98
CA ASP A 280 18.69 2.26 15.57
C ASP A 280 17.92 3.43 16.16
N LEU A 281 16.73 3.16 16.67
CA LEU A 281 15.90 4.16 17.34
C LEU A 281 16.39 4.10 18.78
N SER A 282 17.01 2.97 19.10
CA SER A 282 17.56 2.72 20.41
C SER A 282 16.47 2.77 21.47
N LEU A 283 15.34 2.15 21.15
CA LEU A 283 14.19 2.09 22.06
C LEU A 283 14.66 1.49 23.37
N ASN A 284 15.48 0.44 23.25
CA ASN A 284 16.06 -0.33 24.34
C ASN A 284 16.30 0.44 25.63
N LYS A 285 16.74 1.68 25.49
CA LYS A 285 17.05 2.52 26.64
C LYS A 285 15.85 2.95 27.47
N LEU A 286 14.65 2.60 27.01
CA LEU A 286 13.43 2.94 27.74
C LEU A 286 12.58 1.70 27.98
N GLY A 287 12.94 0.61 27.30
CA GLY A 287 12.20 -0.64 27.43
C GLY A 287 10.95 -0.63 26.58
N ILE A 288 10.93 0.27 25.61
CA ILE A 288 9.80 0.40 24.70
C ILE A 288 9.62 -0.98 24.10
N GLN A 289 8.45 -1.55 24.37
CA GLN A 289 8.08 -2.88 23.92
C GLN A 289 7.74 -3.02 22.44
N THR A 290 8.16 -4.14 21.86
CA THR A 290 7.91 -4.43 20.47
C THR A 290 7.51 -5.87 20.10
N ASP A 291 7.29 -6.01 18.81
CA ASP A 291 6.91 -7.21 18.10
C ASP A 291 8.13 -8.12 18.11
N ASP A 292 7.94 -9.34 17.62
CA ASP A 292 9.04 -10.28 17.46
C ASP A 292 9.63 -10.03 16.06
N LYS A 293 9.16 -8.96 15.41
CA LYS A 293 9.60 -8.56 14.07
C LYS A 293 9.91 -7.05 14.07
N GLY A 294 10.20 -6.50 15.25
CA GLY A 294 10.54 -5.09 15.33
C GLY A 294 9.41 -4.07 15.40
N HIS A 295 8.23 -4.42 14.91
CA HIS A 295 7.14 -3.47 14.97
C HIS A 295 6.93 -2.98 16.38
N ILE A 296 6.58 -1.71 16.54
CA ILE A 296 6.29 -1.20 17.87
C ILE A 296 4.89 -1.72 18.23
N ILE A 297 4.66 -1.94 19.52
CA ILE A 297 3.35 -2.40 19.98
C ILE A 297 2.74 -1.25 20.74
N VAL A 298 1.48 -0.97 20.42
CA VAL A 298 0.70 0.11 21.02
C VAL A 298 -0.67 -0.45 21.36
N ASP A 299 -1.50 0.33 22.07
CA ASP A 299 -2.86 -0.11 22.42
C ASP A 299 -3.84 0.55 21.43
N GLU A 300 -5.15 0.46 21.71
CA GLU A 300 -6.19 1.03 20.83
C GLU A 300 -6.24 2.56 20.86
N PHE A 301 -5.20 3.16 21.43
CA PHE A 301 -5.06 4.60 21.49
C PHE A 301 -3.67 5.03 21.06
N GLN A 302 -2.90 4.11 20.47
CA GLN A 302 -1.53 4.40 20.00
C GLN A 302 -0.57 4.78 21.11
N ASN A 303 -0.68 4.07 22.24
CA ASN A 303 0.18 4.26 23.42
C ASN A 303 1.21 3.11 23.47
N THR A 304 2.49 3.41 23.63
CA THR A 304 3.51 2.34 23.78
C THR A 304 3.39 1.91 25.25
N ASN A 305 4.17 0.93 25.71
CA ASN A 305 4.06 0.53 27.12
C ASN A 305 4.66 1.57 28.07
N VAL A 306 5.36 2.54 27.46
CA VAL A 306 6.00 3.66 28.17
C VAL A 306 5.02 4.82 28.11
N LYS A 307 4.95 5.60 29.17
CA LYS A 307 4.07 6.77 29.24
C LYS A 307 4.73 7.93 28.48
N GLY A 308 3.95 8.67 27.69
CA GLY A 308 4.50 9.79 26.94
C GLY A 308 5.18 9.42 25.62
N ILE A 309 5.03 8.16 25.22
CA ILE A 309 5.60 7.67 23.96
C ILE A 309 4.50 6.94 23.18
N TYR A 310 4.34 7.30 21.91
CA TYR A 310 3.26 6.72 21.08
C TYR A 310 3.84 6.25 19.79
N ALA A 311 3.01 5.58 18.99
CA ALA A 311 3.42 5.11 17.69
C ALA A 311 2.26 5.14 16.71
N VAL A 312 2.56 5.40 15.44
CA VAL A 312 1.57 5.42 14.35
C VAL A 312 2.20 5.09 12.98
N GLY A 313 1.38 4.54 12.09
CA GLY A 313 1.81 4.18 10.75
C GLY A 313 2.59 2.89 10.63
N ASP A 314 3.07 2.62 9.41
CA ASP A 314 3.86 1.43 9.07
C ASP A 314 4.62 0.76 10.21
N VAL A 315 5.30 1.57 11.01
CA VAL A 315 6.12 1.08 12.11
C VAL A 315 5.34 0.15 13.06
N CYS A 316 4.09 0.49 13.35
CA CYS A 316 3.25 -0.32 14.24
C CYS A 316 2.86 -1.63 13.55
N GLY A 317 2.99 -1.65 12.22
CA GLY A 317 2.69 -2.82 11.42
C GLY A 317 1.23 -3.17 11.19
N LYS A 318 0.33 -2.18 11.22
CA LYS A 318 -1.10 -2.44 11.03
C LYS A 318 -1.78 -1.46 10.06
N ALA A 319 -2.45 -2.00 9.06
CA ALA A 319 -3.13 -1.20 8.04
C ALA A 319 -2.07 -0.28 7.43
N LEU A 320 -1.18 -0.88 6.64
CA LEU A 320 -0.05 -0.18 6.03
C LEU A 320 -0.41 0.62 4.79
N LEU A 321 -1.18 1.68 5.03
CA LEU A 321 -1.64 2.60 4.01
C LEU A 321 -1.44 4.03 4.53
N THR A 322 -1.34 5.01 3.63
CA THR A 322 -1.15 6.41 3.98
C THR A 322 -2.26 6.96 4.89
N PRO A 323 -3.53 6.89 4.46
CA PRO A 323 -4.63 7.40 5.28
C PRO A 323 -4.73 6.87 6.72
N VAL A 324 -4.28 5.63 6.96
CA VAL A 324 -4.34 5.10 8.31
C VAL A 324 -3.27 5.83 9.14
N ALA A 325 -2.20 6.27 8.47
CA ALA A 325 -1.11 7.01 9.11
C ALA A 325 -1.68 8.36 9.54
N ILE A 326 -2.31 9.02 8.58
CA ILE A 326 -2.95 10.30 8.81
C ILE A 326 -4.01 10.17 9.91
N ALA A 327 -5.08 9.41 9.62
CA ALA A 327 -6.19 9.21 10.56
C ALA A 327 -5.76 8.85 11.99
N ALA A 328 -4.63 8.15 12.11
CA ALA A 328 -4.11 7.75 13.42
C ALA A 328 -3.29 8.87 14.03
N GLY A 329 -2.54 9.57 13.18
CA GLY A 329 -1.72 10.66 13.66
C GLY A 329 -2.53 11.85 14.15
N ARG A 330 -3.54 12.25 13.38
CA ARG A 330 -4.38 13.39 13.71
C ARG A 330 -5.36 13.13 14.85
N LYS A 331 -5.85 11.91 14.91
CA LYS A 331 -6.78 11.55 15.96
C LYS A 331 -6.07 11.67 17.31
N LEU A 332 -4.77 11.35 17.34
CA LEU A 332 -3.93 11.40 18.54
C LEU A 332 -3.82 12.84 19.06
N ALA A 333 -3.48 13.74 18.14
CA ALA A 333 -3.35 15.15 18.46
C ALA A 333 -4.56 15.69 19.23
N HIS A 334 -5.74 15.13 18.98
CA HIS A 334 -6.95 15.57 19.66
C HIS A 334 -7.15 14.93 21.01
N ARG A 335 -6.67 13.70 21.17
CA ARG A 335 -6.79 13.03 22.46
C ARG A 335 -5.96 13.87 23.42
N LEU A 336 -4.70 14.09 23.01
CA LEU A 336 -3.71 14.85 23.77
C LEU A 336 -3.98 16.34 23.97
N PHE A 337 -3.89 17.08 22.87
CA PHE A 337 -4.06 18.54 22.87
C PHE A 337 -5.45 19.13 22.95
N GLU A 338 -6.47 18.36 22.61
CA GLU A 338 -7.84 18.82 22.71
C GLU A 338 -8.41 18.19 24.00
N TYR A 339 -7.66 17.24 24.55
CA TYR A 339 -8.03 16.52 25.77
C TYR A 339 -9.31 15.71 25.50
N LYS A 340 -9.25 14.90 24.45
CA LYS A 340 -10.38 14.08 24.01
C LYS A 340 -10.09 12.61 24.28
N GLU A 341 -10.75 12.09 25.31
CA GLU A 341 -10.58 10.70 25.73
C GLU A 341 -11.06 9.62 24.74
N ASP A 342 -11.91 10.00 23.80
CA ASP A 342 -12.46 9.06 22.82
C ASP A 342 -11.78 9.06 21.44
N SER A 343 -10.82 9.95 21.23
CA SER A 343 -10.14 10.00 19.95
C SER A 343 -9.14 8.86 19.82
N LYS A 344 -9.46 7.97 18.89
CA LYS A 344 -8.71 6.79 18.54
C LYS A 344 -9.25 6.41 17.17
N LEU A 345 -8.46 5.70 16.35
CA LEU A 345 -8.90 5.31 15.01
C LEU A 345 -9.52 3.93 14.99
N ASP A 346 -10.76 3.81 14.51
CA ASP A 346 -11.44 2.52 14.42
C ASP A 346 -10.89 1.78 13.18
N TYR A 347 -10.01 0.82 13.41
CA TYR A 347 -9.37 0.05 12.33
C TYR A 347 -10.26 -0.94 11.59
N ASN A 348 -11.56 -0.79 11.73
CA ASN A 348 -12.46 -1.69 11.03
C ASN A 348 -13.01 -0.89 9.86
N ASN A 349 -13.49 -1.59 8.83
CA ASN A 349 -14.05 -0.92 7.65
C ASN A 349 -13.12 0.12 6.98
N ILE A 350 -11.81 -0.04 7.16
CA ILE A 350 -10.82 0.84 6.54
C ILE A 350 -10.84 0.47 5.06
N PRO A 351 -10.97 1.46 4.17
CA PRO A 351 -11.00 1.05 2.77
C PRO A 351 -9.62 1.06 2.10
N THR A 352 -9.41 0.07 1.22
CA THR A 352 -8.17 -0.09 0.48
C THR A 352 -8.42 -0.28 -1.02
N VAL A 353 -7.64 0.39 -1.84
CA VAL A 353 -7.79 0.21 -3.27
C VAL A 353 -6.43 -0.22 -3.75
N VAL A 354 -6.42 -1.25 -4.58
CA VAL A 354 -5.18 -1.77 -5.15
C VAL A 354 -5.25 -1.45 -6.65
N PHE A 355 -4.19 -0.86 -7.17
CA PHE A 355 -4.19 -0.44 -8.56
C PHE A 355 -3.66 -1.43 -9.58
N SER A 356 -4.35 -2.54 -9.71
CA SER A 356 -3.92 -3.47 -10.71
C SER A 356 -4.72 -3.12 -11.94
N HIS A 357 -4.62 -3.96 -12.96
CA HIS A 357 -5.34 -3.72 -14.19
C HIS A 357 -6.25 -4.89 -14.42
N PRO A 358 -7.57 -4.73 -14.17
CA PRO A 358 -8.23 -3.50 -13.68
C PRO A 358 -8.05 -3.25 -12.16
N PRO A 359 -8.55 -2.10 -11.65
CA PRO A 359 -8.45 -1.71 -10.23
C PRO A 359 -9.23 -2.55 -9.23
N ILE A 360 -8.57 -2.90 -8.14
CA ILE A 360 -9.18 -3.67 -7.07
C ILE A 360 -9.70 -2.65 -6.09
N GLY A 361 -10.93 -2.79 -5.66
CA GLY A 361 -11.49 -1.87 -4.69
C GLY A 361 -12.13 -2.70 -3.60
N THR A 362 -11.89 -2.37 -2.34
CA THR A 362 -12.49 -3.15 -1.27
C THR A 362 -12.50 -2.54 0.14
N VAL A 363 -13.61 -2.76 0.84
CA VAL A 363 -13.79 -2.25 2.20
C VAL A 363 -14.59 -3.19 3.07
N GLY A 364 -14.22 -3.24 4.34
CA GLY A 364 -14.91 -4.12 5.29
C GLY A 364 -14.28 -5.49 5.33
N LEU A 365 -14.99 -6.45 5.91
CA LEU A 365 -14.43 -7.80 5.99
C LEU A 365 -14.90 -8.78 4.93
N THR A 366 -14.15 -9.87 4.78
CA THR A 366 -14.43 -10.90 3.80
C THR A 366 -15.44 -11.93 4.32
N GLU A 367 -15.98 -12.69 3.37
CA GLU A 367 -16.97 -13.74 3.62
C GLU A 367 -16.56 -14.61 4.79
N ASP A 368 -15.27 -14.98 4.81
CA ASP A 368 -14.69 -15.85 5.82
C ASP A 368 -14.50 -15.22 7.18
N GLU A 369 -14.07 -13.98 7.20
CA GLU A 369 -13.88 -13.29 8.47
C GLU A 369 -15.29 -13.17 9.03
N ALA A 370 -16.23 -12.86 8.13
CA ALA A 370 -17.62 -12.69 8.47
C ALA A 370 -18.21 -13.99 9.04
N ILE A 371 -18.24 -15.00 8.18
CA ILE A 371 -18.76 -16.33 8.52
C ILE A 371 -18.24 -16.74 9.89
N HIS A 372 -16.99 -16.39 10.18
CA HIS A 372 -16.42 -16.73 11.46
C HIS A 372 -17.05 -15.87 12.56
N LYS A 373 -17.06 -14.55 12.37
CA LYS A 373 -17.62 -13.64 13.39
C LYS A 373 -19.15 -13.73 13.54
N TYR A 374 -19.82 -14.30 12.56
CA TYR A 374 -21.26 -14.44 12.66
C TYR A 374 -21.64 -15.92 12.69
N GLY A 375 -21.87 -16.50 11.51
CA GLY A 375 -22.25 -17.89 11.45
C GLY A 375 -22.58 -18.23 10.04
N ILE A 376 -22.12 -19.35 9.56
CA ILE A 376 -22.37 -19.77 8.18
C ILE A 376 -23.83 -19.54 7.74
N GLU A 377 -24.74 -19.58 8.70
CA GLU A 377 -26.18 -19.40 8.49
C GLU A 377 -26.52 -17.91 8.48
N ASN A 378 -25.70 -17.14 9.18
CA ASN A 378 -25.83 -15.69 9.30
C ASN A 378 -25.17 -14.81 8.24
N VAL A 379 -24.38 -15.40 7.33
CA VAL A 379 -23.72 -14.60 6.31
C VAL A 379 -24.25 -14.83 4.90
N LYS A 380 -24.85 -13.80 4.31
CA LYS A 380 -25.37 -13.91 2.96
C LYS A 380 -24.53 -13.05 2.02
N THR A 381 -24.14 -13.64 0.87
CA THR A 381 -23.32 -12.93 -0.12
C THR A 381 -23.99 -12.74 -1.48
N TYR A 382 -24.07 -11.49 -1.92
CA TYR A 382 -24.67 -11.17 -3.21
C TYR A 382 -23.49 -10.86 -4.16
N SER A 383 -23.60 -11.20 -5.44
CA SER A 383 -22.50 -10.95 -6.34
C SER A 383 -22.92 -10.79 -7.79
N THR A 384 -22.10 -10.09 -8.58
CA THR A 384 -22.37 -9.85 -10.00
C THR A 384 -21.07 -10.03 -10.76
N SER A 385 -21.20 -10.44 -12.01
CA SER A 385 -20.06 -10.61 -12.88
C SER A 385 -20.50 -10.14 -14.27
N PHE A 386 -20.08 -8.94 -14.64
CA PHE A 386 -20.43 -8.38 -15.93
C PHE A 386 -19.25 -7.74 -16.62
N THR A 387 -19.47 -7.38 -17.88
CA THR A 387 -18.44 -6.73 -18.69
C THR A 387 -18.69 -5.21 -18.85
N PRO A 388 -17.73 -4.38 -18.41
CA PRO A 388 -17.95 -2.95 -18.56
C PRO A 388 -18.40 -2.61 -19.98
N MET A 389 -19.39 -1.71 -20.10
CA MET A 389 -19.89 -1.26 -21.41
C MET A 389 -18.76 -0.74 -22.29
N TYR A 390 -17.58 -0.51 -21.68
CA TYR A 390 -16.42 -0.03 -22.39
C TYR A 390 -15.92 -1.07 -23.38
N HIS A 391 -16.30 -2.33 -23.16
CA HIS A 391 -15.88 -3.40 -24.03
C HIS A 391 -17.08 -3.97 -24.73
N ALA A 392 -17.92 -3.10 -25.27
CA ALA A 392 -19.05 -3.57 -26.04
C ALA A 392 -18.51 -3.54 -27.47
N VAL A 393 -17.60 -2.61 -27.72
CA VAL A 393 -16.93 -2.46 -29.01
C VAL A 393 -15.43 -2.81 -29.04
N THR A 394 -14.92 -3.51 -28.03
CA THR A 394 -13.49 -3.86 -28.05
C THR A 394 -13.28 -5.35 -28.18
N LYS A 395 -12.07 -5.73 -28.59
CA LYS A 395 -11.69 -7.13 -28.70
C LYS A 395 -11.06 -7.48 -27.35
N ARG A 396 -10.27 -6.54 -26.85
CA ARG A 396 -9.56 -6.65 -25.59
C ARG A 396 -10.63 -6.52 -24.49
N LYS A 397 -10.75 -7.56 -23.65
CA LYS A 397 -11.77 -7.53 -22.59
C LYS A 397 -11.23 -7.78 -21.18
N THR A 398 -11.96 -7.24 -20.20
CA THR A 398 -11.65 -7.39 -18.78
C THR A 398 -13.03 -7.44 -18.14
N LYS A 399 -13.15 -8.01 -16.96
CA LYS A 399 -14.45 -8.11 -16.30
C LYS A 399 -14.65 -7.06 -15.23
N CYS A 400 -15.50 -7.40 -14.27
CA CYS A 400 -15.81 -6.56 -13.13
C CYS A 400 -16.55 -7.53 -12.24
N VAL A 401 -16.08 -7.69 -11.02
CA VAL A 401 -16.73 -8.60 -10.11
C VAL A 401 -17.06 -7.86 -8.83
N MET A 402 -18.32 -7.95 -8.41
CA MET A 402 -18.75 -7.25 -7.23
C MET A 402 -19.36 -8.24 -6.25
N LYS A 403 -18.99 -8.12 -4.97
CA LYS A 403 -19.54 -9.02 -3.96
C LYS A 403 -19.90 -8.21 -2.74
N MET A 404 -21.03 -8.57 -2.14
CA MET A 404 -21.55 -7.91 -0.95
C MET A 404 -21.76 -8.97 0.13
N VAL A 405 -21.12 -8.76 1.28
CA VAL A 405 -21.23 -9.68 2.41
C VAL A 405 -22.18 -9.04 3.42
N CYS A 406 -23.33 -9.66 3.64
CA CYS A 406 -24.29 -9.12 4.59
C CYS A 406 -24.34 -9.92 5.89
N ALA A 407 -24.74 -9.25 6.95
CA ALA A 407 -24.81 -9.86 8.25
C ALA A 407 -26.20 -9.83 8.87
N ASN A 408 -26.55 -10.96 9.50
CA ASN A 408 -27.81 -11.15 10.23
C ASN A 408 -29.08 -10.97 9.41
N LYS A 409 -30.17 -10.69 10.15
CA LYS A 409 -31.52 -10.48 9.61
C LYS A 409 -31.61 -9.26 8.68
N GLU A 410 -31.31 -8.08 9.22
CA GLU A 410 -31.36 -6.81 8.50
C GLU A 410 -30.43 -6.69 7.28
N GLU A 411 -29.63 -7.73 7.07
CA GLU A 411 -28.70 -7.76 5.96
C GLU A 411 -27.74 -6.59 5.94
N LYS A 412 -27.08 -6.39 7.09
CA LYS A 412 -26.10 -5.32 7.23
C LYS A 412 -24.91 -5.53 6.30
N VAL A 413 -24.69 -4.57 5.42
CA VAL A 413 -23.56 -4.65 4.50
C VAL A 413 -22.34 -4.46 5.39
N VAL A 414 -21.59 -5.55 5.56
CA VAL A 414 -20.37 -5.53 6.39
C VAL A 414 -19.07 -5.79 5.62
N GLY A 415 -19.18 -5.91 4.30
CA GLY A 415 -18.03 -6.14 3.44
C GLY A 415 -18.38 -6.01 1.96
N ILE A 416 -17.67 -5.13 1.27
CA ILE A 416 -17.85 -4.89 -0.18
C ILE A 416 -16.52 -5.16 -0.87
N HIS A 417 -16.53 -6.03 -1.86
CA HIS A 417 -15.32 -6.38 -2.59
C HIS A 417 -15.60 -6.25 -4.11
N MET A 418 -14.65 -5.67 -4.85
CA MET A 418 -14.83 -5.48 -6.30
C MET A 418 -13.54 -5.28 -7.11
N GLN A 419 -13.59 -5.59 -8.39
CA GLN A 419 -12.46 -5.40 -9.28
C GLN A 419 -13.08 -4.99 -10.59
N GLY A 420 -12.55 -3.95 -11.21
CA GLY A 420 -13.14 -3.52 -12.46
C GLY A 420 -12.76 -2.10 -12.80
N LEU A 421 -13.19 -1.67 -13.99
CA LEU A 421 -12.89 -0.32 -14.46
C LEU A 421 -13.52 0.73 -13.54
N GLY A 422 -12.76 1.79 -13.26
CA GLY A 422 -13.26 2.86 -12.42
C GLY A 422 -13.43 2.48 -10.97
N CYS A 423 -13.09 1.25 -10.62
CA CYS A 423 -13.18 0.80 -9.23
C CYS A 423 -12.31 1.58 -8.23
N ASP A 424 -11.51 2.51 -8.73
CA ASP A 424 -10.62 3.33 -7.90
C ASP A 424 -11.37 4.52 -7.28
N GLU A 425 -12.20 5.16 -8.09
CA GLU A 425 -12.99 6.29 -7.64
C GLU A 425 -14.40 5.84 -7.32
N MET A 426 -14.68 4.56 -7.55
CA MET A 426 -16.00 3.99 -7.27
C MET A 426 -16.20 3.77 -5.77
N LEU A 427 -15.13 3.30 -5.13
CA LEU A 427 -15.18 3.06 -3.70
C LEU A 427 -14.84 4.35 -2.98
N GLN A 428 -15.54 4.57 -1.87
CA GLN A 428 -15.38 5.72 -0.98
C GLN A 428 -16.75 6.10 -0.55
N GLY A 429 -17.64 6.28 -1.53
CA GLY A 429 -18.99 6.62 -1.17
C GLY A 429 -19.58 5.51 -0.29
N PHE A 430 -19.41 4.27 -0.75
CA PHE A 430 -19.89 3.10 -0.05
C PHE A 430 -19.14 2.86 1.23
N ALA A 431 -17.92 3.38 1.29
CA ALA A 431 -17.10 3.25 2.49
C ALA A 431 -17.75 4.10 3.57
N VAL A 432 -18.24 5.27 3.21
CA VAL A 432 -18.88 6.14 4.17
C VAL A 432 -20.14 5.42 4.65
N ALA A 433 -20.90 4.91 3.69
CA ALA A 433 -22.13 4.18 3.96
C ALA A 433 -21.86 2.98 4.83
N VAL A 434 -20.88 2.21 4.41
CA VAL A 434 -20.56 1.01 5.13
C VAL A 434 -20.12 1.44 6.52
N LYS A 435 -19.35 2.50 6.61
CA LYS A 435 -18.86 2.97 7.91
C LYS A 435 -20.02 3.37 8.81
N MET A 436 -21.13 3.76 8.19
CA MET A 436 -22.29 4.11 8.97
C MET A 436 -23.35 3.00 8.99
N GLY A 437 -22.86 1.78 9.20
CA GLY A 437 -23.70 0.59 9.30
C GLY A 437 -24.86 0.45 8.35
N ALA A 438 -24.59 0.65 7.07
CA ALA A 438 -25.62 0.57 6.03
C ALA A 438 -26.16 -0.82 5.89
N THR A 439 -27.46 -0.92 5.61
CA THR A 439 -28.06 -2.24 5.39
C THR A 439 -28.24 -2.41 3.90
N LYS A 440 -28.46 -3.64 3.47
CA LYS A 440 -28.66 -3.89 2.05
C LYS A 440 -29.81 -3.01 1.53
N ALA A 441 -30.76 -2.67 2.40
CA ALA A 441 -31.90 -1.85 1.97
C ALA A 441 -31.49 -0.44 1.54
N ASP A 442 -30.71 0.22 2.38
CA ASP A 442 -30.25 1.57 2.09
C ASP A 442 -29.60 1.60 0.73
N PHE A 443 -28.86 0.55 0.44
CA PHE A 443 -28.19 0.41 -0.83
C PHE A 443 -29.23 0.36 -1.90
N ASP A 444 -30.20 -0.52 -1.68
CA ASP A 444 -31.31 -0.77 -2.58
C ASP A 444 -32.30 0.39 -2.76
N ASN A 445 -32.32 1.32 -1.81
CA ASN A 445 -33.21 2.48 -1.89
C ASN A 445 -32.59 3.67 -2.63
N THR A 446 -31.34 3.51 -3.04
CA THR A 446 -30.64 4.57 -3.73
C THR A 446 -30.87 4.48 -5.22
N VAL A 447 -31.39 5.56 -5.79
CA VAL A 447 -31.64 5.61 -7.22
C VAL A 447 -30.33 5.52 -8.03
N ALA A 448 -30.34 4.67 -9.04
CA ALA A 448 -29.19 4.43 -9.88
C ALA A 448 -28.75 5.54 -10.83
N ILE A 449 -27.50 5.43 -11.24
CA ILE A 449 -26.87 6.32 -12.20
C ILE A 449 -26.75 5.41 -13.44
N HIS A 450 -27.37 5.75 -14.56
CA HIS A 450 -27.30 4.91 -15.77
C HIS A 450 -26.81 5.70 -16.98
N PRO A 451 -25.81 5.19 -17.72
CA PRO A 451 -25.12 3.91 -17.51
C PRO A 451 -23.82 3.97 -16.70
N THR A 452 -23.71 3.15 -15.66
CA THR A 452 -22.51 3.09 -14.86
C THR A 452 -22.18 1.65 -14.39
N SER A 453 -21.05 1.49 -13.74
CA SER A 453 -20.70 0.19 -13.21
C SER A 453 -21.23 0.22 -11.80
N SER A 454 -21.06 1.37 -11.17
CA SER A 454 -21.51 1.59 -9.81
C SER A 454 -22.98 1.22 -9.61
N GLU A 455 -23.81 1.45 -10.62
CA GLU A 455 -25.22 1.13 -10.52
C GLU A 455 -25.42 -0.33 -10.20
N GLU A 456 -24.48 -1.16 -10.63
CA GLU A 456 -24.51 -2.61 -10.42
C GLU A 456 -24.39 -3.02 -8.97
N LEU A 457 -23.71 -2.18 -8.19
CA LEU A 457 -23.51 -2.46 -6.78
C LEU A 457 -24.76 -2.19 -5.96
N VAL A 458 -25.68 -1.42 -6.50
CA VAL A 458 -26.90 -1.09 -5.76
C VAL A 458 -28.14 -1.84 -6.26
N THR A 459 -27.97 -2.63 -7.33
CA THR A 459 -29.07 -3.43 -7.90
C THR A 459 -28.83 -4.94 -7.73
N LEU A 460 -27.99 -5.29 -6.75
CA LEU A 460 -27.62 -6.67 -6.47
C LEU A 460 -28.78 -7.56 -6.11
N ARG A 461 -28.94 -8.65 -6.83
CA ARG A 461 -30.02 -9.59 -6.57
C ARG A 461 -29.45 -11.01 -6.39
PA FAD B . 6.83 6.69 6.23
O1A FAD B . 7.61 5.39 6.26
O2A FAD B . 6.13 7.08 4.99
O5B FAD B . 7.88 7.94 6.43
C5B FAD B . 8.72 8.27 7.60
C4B FAD B . 9.74 9.35 7.35
O4B FAD B . 10.45 9.14 8.58
C3B FAD B . 10.73 9.09 6.24
O3B FAD B . 10.85 10.17 5.30
C2B FAD B . 11.97 8.76 7.06
O2B FAD B . 13.10 9.31 6.50
C1B FAD B . 11.89 9.40 8.46
N9A FAD B . 12.74 8.68 9.58
C8A FAD B . 12.82 7.31 9.89
N7A FAD B . 13.29 7.06 11.08
C5A FAD B . 13.66 8.29 11.61
C6A FAD B . 14.38 8.62 12.82
N6A FAD B . 15.37 7.93 13.42
N1A FAD B . 14.39 9.94 13.04
C2A FAD B . 14.14 10.83 12.03
N3A FAD B . 13.68 10.61 10.78
C4A FAD B . 13.42 9.29 10.65
N1 FAD B . -0.29 3.79 0.98
C2 FAD B . -1.53 4.20 0.48
O2 FAD B . -2.47 4.75 1.11
N3 FAD B . -1.82 4.05 -0.85
C4 FAD B . -1.00 3.63 -1.75
O4 FAD B . -1.31 3.63 -2.89
C4X FAD B . 0.33 3.21 -1.30
N5 FAD B . 1.14 2.81 -2.22
C5X FAD B . 2.35 2.46 -1.85
C6 FAD B . 3.11 2.05 -2.91
C7 FAD B . 4.43 1.67 -2.74
C7M FAD B . 4.85 1.34 -3.56
C8 FAD B . 5.04 1.71 -1.36
C8M FAD B . 6.00 1.51 -1.15
C9 FAD B . 4.21 2.11 -0.24
C9A FAD B . 2.85 2.50 -0.47
N10 FAD B . 1.90 2.94 0.53
C10 FAD B . 0.59 3.32 0.14
C1' FAD B . 2.25 2.78 2.00
C2' FAD B . 2.20 4.11 2.72
O2' FAD B . 2.68 5.14 1.83
C3' FAD B . 2.66 4.06 4.18
O3' FAD B . 1.73 3.56 5.11
C4' FAD B . 2.74 5.52 4.37
O4' FAD B . 3.93 5.82 3.67
C5' FAD B . 2.75 6.24 5.74
O5' FAD B . 3.96 5.97 6.39
P FAD B . 4.41 6.47 7.79
O1P FAD B . 3.60 7.67 8.09
O2P FAD B . 4.54 5.40 8.89
O3P FAD B . 5.84 7.03 7.41
C1 GCG C . -5.48 13.42 -6.19
CA1 GCG C . -6.02 14.38 -5.14
O11 GCG C . -5.12 12.28 -5.83
O21 GCG C . -5.40 13.84 -7.35
CB1 GCG C . -5.22 15.70 -5.13
N1 GCG C . -6.02 13.73 -3.80
CG1 GCG C . -3.70 15.59 -5.33
CD1 GCG C . -2.98 14.90 -4.18
OD1 GCG C . -3.02 13.68 -4.07
N2 GCG C . -2.31 15.69 -3.34
CA2 GCG C . -1.57 15.20 -2.17
C2 GCG C . -0.80 16.38 -1.58
O2 GCG C . -0.30 16.29 -0.45
CB2 GCG C . -0.57 14.10 -2.55
SG2 GCG C . 0.96 14.70 -3.26
N3 GCG C . -0.46 17.31 -2.48
CA3 GCG C . 0.28 18.55 -2.21
C3 GCG C . 0.10 19.16 -0.84
O3 GCG C . 0.90 18.88 0.06
N1S GCG C . -1.08 19.70 -0.58
C2S GCG C . -1.40 20.34 0.68
C3S GCG C . -2.81 20.89 0.78
C4S GCG C . -3.46 20.42 2.09
C5S GCG C . -2.47 20.59 3.26
C7S GCG C . -1.31 19.05 4.63
N6S GCG C . -2.64 19.52 4.23
C8S GCG C . -1.30 18.78 6.13
C9S GCG C . -0.32 17.69 6.52
N11 GCG C . -0.67 16.44 5.86
C5 GCG C . -0.01 15.31 6.02
N5 GCG C . -0.44 13.95 3.80
CA5 GCG C . -0.56 14.17 5.23
O5 GCG C . 0.59 15.05 7.05
C6 GCG C . -0.08 12.78 3.27
N6 GCG C . -1.04 13.59 1.15
CA6 GCG C . -0.06 12.70 1.76
O6 GCG C . 0.46 11.90 3.93
CB6 GCG C . 1.35 12.95 1.25
SG6 GCG C . 1.74 12.03 -0.26
CD7 GCG C . -2.32 13.27 1.19
C7 GCG C . -4.11 15.72 3.15
CA7 GCG C . -5.10 15.41 2.02
O17 GCG C . -4.46 15.49 4.33
O27 GCG C . -3.00 16.22 2.84
CB7 GCG C . -4.70 14.16 1.21
N7 GCG C . -5.33 16.58 1.13
CG7 GCG C . -3.31 14.22 0.55
OD7 GCG C . -2.73 12.23 1.73
#